data_6QN9
#
_entry.id   6QN9
#
_cell.length_a   78.335
_cell.length_b   134.873
_cell.length_c   42.115
_cell.angle_alpha   90.00
_cell.angle_beta   90.00
_cell.angle_gamma   90.00
#
_symmetry.space_group_name_H-M   'P 21 21 2'
#
loop_
_entity.id
_entity.type
_entity.pdbx_description
1 polymer 'Heavy chain'
2 polymer 'light chain'
3 non-polymer GLYCEROL
4 non-polymer 'SULFATE ION'
5 water water
#
loop_
_entity_poly.entity_id
_entity_poly.type
_entity_poly.pdbx_seq_one_letter_code
_entity_poly.pdbx_strand_id
1 'polypeptide(L)'
;QVQLQESGPSLVKPSQTLSLTCTVSGFSLSSYSVSWVRQAPGKTLEWLGDASNGGIIYYNPALKSRLGITRDNSKSQVSL
SLNTITPEDTATYYCAKCSVGDSGSYACTGRKGEYVDAWGQGLLVTVSSASTTAPKVYPLSSCCGDKSSSTVTLGCLVSS
YMPEPVTVTWNSGALKSGVHTFPAVLQSSGLYSLSSMVTVPGSTSGTQTFTCNVAHPASSTKVDKAVDPRCGKHHHHHH
;
H
2 'polypeptide(L)'
;QAVLTQPPSVSGSLGQRVSITCSGSSSNIGRWGVNWYQQVPGSGLRTIIYYESSRPSGVPDRFSGSKSGNTATLTISSLQ
AEDEADYFCATGDYNIAVFGSGTTLIVMGQPKSPPSVTLFPPSTEELNGNKATLVCLISDFYPGSVTVVWKADGSTITRN
VETTRASKQSNSKYAASSYLSLTSSDWKSKGSYSCEVTHEGSTVTKTVKPSECS
;
L
#
loop_
_chem_comp.id
_chem_comp.type
_chem_comp.name
_chem_comp.formula
GOL non-polymer GLYCEROL 'C3 H8 O3'
SO4 non-polymer 'SULFATE ION' 'O4 S -2'
#
# COMPACT_ATOMS: atom_id res chain seq x y z
N GLN A 1 9.57 -23.65 5.11
CA GLN A 1 9.88 -22.32 4.61
C GLN A 1 10.07 -21.32 5.75
N VAL A 2 10.45 -20.10 5.41
CA VAL A 2 10.70 -19.03 6.37
C VAL A 2 9.49 -18.11 6.42
N GLN A 3 9.14 -17.66 7.62
CA GLN A 3 7.96 -16.82 7.79
C GLN A 3 8.19 -15.83 8.92
N LEU A 4 7.76 -14.59 8.69
CA LEU A 4 7.82 -13.54 9.70
C LEU A 4 6.43 -12.92 9.80
N GLN A 5 5.89 -12.87 11.01
CA GLN A 5 4.53 -12.38 11.23
C GLN A 5 4.57 -11.20 12.18
N GLU A 6 4.09 -10.05 11.72
CA GLU A 6 3.92 -8.88 12.58
C GLU A 6 2.57 -8.97 13.29
N SER A 7 2.56 -8.64 14.58
CA SER A 7 1.35 -8.67 15.38
C SER A 7 1.31 -7.48 16.32
N GLY A 8 0.10 -7.01 16.62
CA GLY A 8 -0.09 -5.90 17.53
C GLY A 8 -1.32 -5.11 17.18
N PRO A 9 -1.73 -4.19 18.06
CA PRO A 9 -2.87 -3.33 17.75
C PRO A 9 -2.60 -2.50 16.51
N SER A 10 -3.59 -2.46 15.61
CA SER A 10 -3.49 -1.69 14.38
C SER A 10 -4.17 -0.33 14.48
N LEU A 11 -4.67 0.04 15.66
CA LEU A 11 -5.25 1.36 15.87
C LEU A 11 -4.87 1.80 17.27
N VAL A 12 -4.00 2.81 17.38
CA VAL A 12 -3.53 3.32 18.66
C VAL A 12 -3.87 4.80 18.75
N LYS A 13 -4.23 5.25 19.94
CA LYS A 13 -4.55 6.66 20.11
C LYS A 13 -3.27 7.49 20.22
N PRO A 14 -3.24 8.70 19.66
CA PRO A 14 -2.06 9.55 19.79
C PRO A 14 -1.71 9.76 21.26
N SER A 15 -0.41 9.95 21.50
CA SER A 15 0.26 10.07 22.80
C SER A 15 0.43 8.71 23.49
N GLN A 16 -0.21 7.63 23.02
CA GLN A 16 -0.06 6.32 23.63
C GLN A 16 1.17 5.62 23.06
N THR A 17 1.41 4.38 23.49
CA THR A 17 2.56 3.61 23.06
C THR A 17 2.15 2.62 21.97
N LEU A 18 2.92 2.61 20.88
CA LEU A 18 2.72 1.67 19.79
C LEU A 18 3.68 0.50 19.99
N SER A 19 3.14 -0.71 20.06
CA SER A 19 3.97 -1.90 20.32
C SER A 19 3.65 -2.97 19.29
N LEU A 20 4.69 -3.62 18.77
CA LEU A 20 4.50 -4.67 17.80
C LEU A 20 5.44 -5.83 18.11
N THR A 21 5.03 -7.02 17.68
CA THR A 21 5.87 -8.20 17.80
C THR A 21 5.99 -8.88 16.45
N CYS A 22 7.22 -9.30 16.14
CA CYS A 22 7.53 -10.12 14.98
C CYS A 22 7.84 -11.50 15.51
N THR A 23 6.99 -12.48 15.18
CA THR A 23 7.25 -13.88 15.48
C THR A 23 7.76 -14.57 14.22
N VAL A 24 8.88 -15.27 14.36
CA VAL A 24 9.55 -15.87 13.21
C VAL A 24 9.48 -17.39 13.32
N SER A 25 9.67 -18.05 12.19
CA SER A 25 9.66 -19.50 12.12
C SER A 25 10.41 -19.93 10.86
N GLY A 26 10.87 -21.18 10.85
CA GLY A 26 11.69 -21.67 9.76
C GLY A 26 13.16 -21.36 9.90
N PHE A 27 13.55 -20.54 10.87
CA PHE A 27 14.94 -20.20 11.11
C PHE A 27 15.06 -19.74 12.56
N SER A 28 16.28 -19.78 13.07
CA SER A 28 16.57 -19.41 14.44
C SER A 28 17.15 -18.01 14.52
N LEU A 29 16.65 -17.22 15.47
CA LEU A 29 17.20 -15.90 15.75
C LEU A 29 18.64 -15.96 16.23
N SER A 30 19.11 -17.14 16.66
CA SER A 30 20.53 -17.28 16.99
C SER A 30 21.41 -17.33 15.74
N SER A 31 20.80 -17.42 14.56
CA SER A 31 21.54 -17.49 13.31
C SER A 31 21.54 -16.18 12.52
N TYR A 32 20.49 -15.37 12.64
CA TYR A 32 20.28 -14.28 11.70
C TYR A 32 19.75 -13.04 12.40
N SER A 33 20.25 -11.89 11.97
CA SER A 33 19.72 -10.61 12.43
C SER A 33 18.31 -10.38 11.88
N VAL A 34 17.54 -9.55 12.59
CA VAL A 34 16.19 -9.18 12.19
C VAL A 34 16.06 -7.66 12.30
N SER A 35 15.51 -7.04 11.25
CA SER A 35 15.34 -5.60 11.20
C SER A 35 13.87 -5.21 11.25
N TRP A 36 13.61 -4.03 11.81
CA TRP A 36 12.31 -3.36 11.77
C TRP A 36 12.42 -2.10 10.92
N VAL A 37 11.52 -1.95 9.95
CA VAL A 37 11.42 -0.74 9.14
C VAL A 37 9.94 -0.42 8.98
N ARG A 38 9.64 0.83 8.63
CA ARG A 38 8.27 1.24 8.42
C ARG A 38 8.18 2.11 7.17
N GLN A 39 6.97 2.16 6.62
CA GLN A 39 6.68 2.94 5.41
C GLN A 39 5.40 3.74 5.62
N ALA A 40 5.53 5.05 5.78
CA ALA A 40 4.33 5.88 5.97
C ALA A 40 3.55 5.95 4.67
N PRO A 41 2.24 6.22 4.74
CA PRO A 41 1.41 6.12 3.53
C PRO A 41 1.92 6.99 2.39
N GLY A 42 2.12 6.38 1.23
CA GLY A 42 2.62 7.06 0.06
C GLY A 42 4.05 7.54 0.14
N LYS A 43 4.80 7.14 1.16
CA LYS A 43 6.14 7.65 1.37
C LYS A 43 7.17 6.53 1.23
N THR A 44 8.41 6.84 1.58
CA THR A 44 9.50 5.89 1.41
C THR A 44 9.71 5.11 2.71
N LEU A 45 10.81 4.36 2.80
CA LEU A 45 11.08 3.51 3.95
C LEU A 45 11.86 4.29 5.00
N GLU A 46 11.62 3.93 6.27
CA GLU A 46 12.35 4.49 7.40
C GLU A 46 12.82 3.35 8.28
N TRP A 47 14.09 3.40 8.68
CA TRP A 47 14.68 2.38 9.53
C TRP A 47 14.33 2.64 11.00
N LEU A 48 13.93 1.57 11.69
CA LEU A 48 13.64 1.63 13.11
C LEU A 48 14.78 1.06 13.93
N GLY A 49 15.18 -0.19 13.67
CA GLY A 49 16.33 -0.76 14.36
C GLY A 49 16.58 -2.18 13.93
N ASP A 50 17.74 -2.68 14.33
CA ASP A 50 18.18 -4.04 14.06
C ASP A 50 18.40 -4.78 15.36
N ALA A 51 18.30 -6.12 15.30
CA ALA A 51 18.54 -6.99 16.44
C ALA A 51 19.36 -8.18 15.93
N SER A 52 20.66 -8.16 16.21
CA SER A 52 21.56 -9.15 15.62
C SER A 52 21.44 -10.50 16.33
N ASN A 53 22.03 -11.53 15.72
CA ASN A 53 21.96 -12.85 16.32
C ASN A 53 22.74 -12.95 17.62
N GLY A 54 23.55 -11.95 17.95
CA GLY A 54 24.27 -11.88 19.20
C GLY A 54 23.60 -11.04 20.28
N GLY A 55 22.34 -10.63 20.07
CA GLY A 55 21.63 -9.83 21.04
C GLY A 55 21.90 -8.34 20.97
N ILE A 56 22.74 -7.88 20.06
CA ILE A 56 23.06 -6.46 19.96
C ILE A 56 21.92 -5.74 19.24
N ILE A 57 21.46 -4.65 19.83
CA ILE A 57 20.35 -3.85 19.31
C ILE A 57 20.92 -2.53 18.79
N TYR A 58 20.65 -2.23 17.52
CA TYR A 58 21.04 -0.98 16.88
C TYR A 58 19.79 -0.17 16.61
N TYR A 59 19.81 1.11 16.97
CA TYR A 59 18.65 1.98 16.85
C TYR A 59 18.87 3.08 15.82
N ASN A 60 17.78 3.53 15.22
CA ASN A 60 17.77 4.79 14.49
C ASN A 60 17.92 5.91 15.51
N PRO A 61 19.02 6.67 15.51
CA PRO A 61 19.20 7.71 16.54
C PRO A 61 18.15 8.80 16.50
N ALA A 62 17.49 9.01 15.35
CA ALA A 62 16.42 10.00 15.28
C ALA A 62 15.20 9.59 16.09
N LEU A 63 15.06 8.31 16.42
CA LEU A 63 13.90 7.81 17.14
C LEU A 63 14.26 7.16 18.48
N LYS A 64 15.53 7.20 18.88
CA LYS A 64 15.98 6.43 20.04
C LYS A 64 15.28 6.87 21.32
N SER A 65 14.91 8.15 21.43
CA SER A 65 14.28 8.65 22.65
C SER A 65 12.86 8.11 22.84
N ARG A 66 12.25 7.53 21.80
CA ARG A 66 10.95 6.91 21.91
C ARG A 66 10.95 5.42 21.60
N LEU A 67 12.06 4.87 21.13
CA LEU A 67 12.11 3.52 20.59
C LEU A 67 12.74 2.56 21.58
N GLY A 68 12.10 1.39 21.72
CA GLY A 68 12.69 0.25 22.42
C GLY A 68 12.50 -1.02 21.62
N ILE A 69 13.55 -1.84 21.53
CA ILE A 69 13.52 -3.10 20.78
C ILE A 69 14.09 -4.21 21.66
N THR A 70 13.39 -5.33 21.73
CA THR A 70 13.79 -6.48 22.53
C THR A 70 13.73 -7.75 21.71
N ARG A 71 14.62 -8.69 22.05
CA ARG A 71 14.80 -9.92 21.28
C ARG A 71 14.80 -11.12 22.22
N ASP A 72 13.94 -12.10 21.94
CA ASP A 72 13.81 -13.30 22.78
C ASP A 72 13.99 -14.54 21.89
N ASN A 73 15.21 -15.07 21.86
CA ASN A 73 15.48 -16.22 21.00
C ASN A 73 14.63 -17.42 21.39
N SER A 74 14.34 -17.60 22.68
CA SER A 74 13.57 -18.76 23.13
C SER A 74 12.17 -18.77 22.53
N LYS A 75 11.56 -17.60 22.37
CA LYS A 75 10.23 -17.48 21.78
C LYS A 75 10.27 -17.11 20.30
N SER A 76 11.47 -16.94 19.72
CA SER A 76 11.63 -16.57 18.32
C SER A 76 10.86 -15.28 18.00
N GLN A 77 10.97 -14.30 18.89
CA GLN A 77 10.24 -13.04 18.78
C GLN A 77 11.18 -11.85 18.86
N VAL A 78 10.92 -10.84 18.04
CA VAL A 78 11.60 -9.55 18.14
C VAL A 78 10.51 -8.49 18.27
N SER A 79 10.58 -7.71 19.34
CA SER A 79 9.51 -6.75 19.63
C SER A 79 10.02 -5.32 19.53
N LEU A 80 9.05 -4.41 19.34
CA LEU A 80 9.33 -3.00 19.26
C LEU A 80 8.26 -2.27 20.04
N SER A 81 8.67 -1.24 20.78
CA SER A 81 7.72 -0.30 21.38
C SER A 81 8.14 1.11 21.01
N LEU A 82 7.14 1.93 20.66
CA LEU A 82 7.35 3.32 20.26
C LEU A 82 6.33 4.16 21.03
N ASN A 83 6.81 4.97 21.95
CA ASN A 83 5.91 5.74 22.81
C ASN A 83 5.76 7.17 22.29
N THR A 84 4.82 7.89 22.90
CA THR A 84 4.57 9.32 22.60
C THR A 84 4.20 9.54 21.13
N ILE A 85 3.38 8.65 20.58
CA ILE A 85 3.17 8.64 19.14
C ILE A 85 2.27 9.80 18.72
N THR A 86 2.35 10.15 17.44
CA THR A 86 1.49 11.13 16.78
C THR A 86 1.09 10.55 15.42
N PRO A 87 0.20 11.20 14.66
CA PRO A 87 -0.18 10.63 13.34
C PRO A 87 1.00 10.49 12.39
N GLU A 88 2.14 11.12 12.66
CA GLU A 88 3.31 10.89 11.83
C GLU A 88 3.84 9.47 11.98
N ASP A 89 3.40 8.75 13.01
CA ASP A 89 3.79 7.37 13.21
C ASP A 89 2.82 6.38 12.57
N THR A 90 1.77 6.87 11.90
CA THR A 90 0.94 6.01 11.07
C THR A 90 1.77 5.44 9.92
N ALA A 91 1.89 4.11 9.87
CA ALA A 91 2.70 3.53 8.80
C ALA A 91 2.43 2.05 8.70
N THR A 92 2.93 1.43 7.64
CA THR A 92 3.01 -0.02 7.54
C THR A 92 4.35 -0.45 8.13
N TYR A 93 4.30 -1.31 9.13
CA TYR A 93 5.47 -1.72 9.89
C TYR A 93 5.89 -3.12 9.45
N TYR A 94 7.14 -3.25 9.03
CA TYR A 94 7.71 -4.48 8.48
C TYR A 94 8.82 -4.97 9.37
N CYS A 95 8.80 -6.27 9.69
CA CYS A 95 10.05 -6.90 10.12
C CYS A 95 10.64 -7.67 8.95
N ALA A 96 11.93 -7.96 9.07
CA ALA A 96 12.68 -8.50 7.93
C ALA A 96 13.82 -9.36 8.43
N LYS A 97 14.06 -10.46 7.71
CA LYS A 97 15.11 -11.43 8.05
C LYS A 97 16.37 -11.12 7.26
N CYS A 98 17.48 -10.95 7.97
CA CYS A 98 18.77 -10.70 7.34
C CYS A 98 19.42 -12.03 6.96
N SER A 99 20.22 -11.99 5.88
CA SER A 99 20.89 -13.21 5.43
C SER A 99 22.08 -13.60 6.31
N VAL A 100 22.48 -12.74 7.24
CA VAL A 100 23.63 -12.97 8.11
C VAL A 100 23.23 -12.65 9.54
N GLY A 101 24.06 -13.12 10.47
CA GLY A 101 23.83 -12.81 11.88
C GLY A 101 24.03 -11.34 12.21
N ASP A 102 24.92 -10.65 11.49
CA ASP A 102 25.14 -9.23 11.70
C ASP A 102 25.80 -8.66 10.45
N SER A 103 25.16 -7.68 9.84
CA SER A 103 25.68 -7.11 8.60
C SER A 103 26.74 -6.05 8.88
N GLY A 104 27.57 -5.78 7.87
CA GLY A 104 28.58 -4.75 8.00
C GLY A 104 27.99 -3.38 8.25
N SER A 105 26.83 -3.09 7.66
CA SER A 105 26.13 -1.85 7.95
C SER A 105 24.78 -2.15 8.60
N TYR A 106 23.82 -1.25 8.45
CA TYR A 106 22.54 -1.35 9.15
C TYR A 106 21.44 -1.80 8.20
N ALA A 107 20.35 -2.30 8.80
CA ALA A 107 19.20 -2.83 8.06
C ALA A 107 19.64 -3.85 7.02
N CYS A 108 20.63 -4.68 7.38
CA CYS A 108 21.09 -5.81 6.60
C CYS A 108 21.63 -5.38 5.23
N THR A 109 22.58 -4.47 5.26
CA THR A 109 23.31 -4.04 4.08
C THR A 109 24.79 -3.97 4.43
N GLY A 110 25.62 -3.83 3.39
CA GLY A 110 27.03 -3.61 3.60
C GLY A 110 27.96 -4.44 2.74
N ARG A 111 28.18 -5.69 3.12
CA ARG A 111 29.20 -6.53 2.51
C ARG A 111 28.53 -7.59 1.62
N LYS A 112 29.39 -8.36 0.93
CA LYS A 112 28.89 -9.37 0.01
C LYS A 112 28.04 -10.41 0.75
N GLY A 113 26.94 -10.83 0.12
CA GLY A 113 26.07 -11.84 0.69
C GLY A 113 25.10 -11.35 1.75
N GLU A 114 25.04 -10.03 1.99
CA GLU A 114 24.21 -9.45 3.04
C GLU A 114 23.00 -8.77 2.43
N TYR A 115 21.83 -9.35 2.63
CA TYR A 115 20.58 -8.77 2.13
C TYR A 115 19.41 -9.29 2.95
N VAL A 116 18.28 -8.61 2.83
CA VAL A 116 17.04 -9.11 3.42
C VAL A 116 16.53 -10.25 2.56
N ASP A 117 16.63 -11.49 3.06
CA ASP A 117 16.19 -12.62 2.26
C ASP A 117 14.75 -13.03 2.52
N ALA A 118 14.08 -12.39 3.49
CA ALA A 118 12.65 -12.60 3.70
C ALA A 118 12.07 -11.38 4.36
N TRP A 119 11.00 -10.84 3.80
CA TRP A 119 10.29 -9.70 4.36
C TRP A 119 8.99 -10.16 5.00
N GLY A 120 8.63 -9.54 6.12
CA GLY A 120 7.29 -9.71 6.64
C GLY A 120 6.25 -9.11 5.71
N GLN A 121 4.99 -9.50 5.94
CA GLN A 121 3.90 -8.97 5.12
C GLN A 121 3.61 -7.52 5.43
N GLY A 122 4.02 -7.04 6.61
CA GLY A 122 3.72 -5.68 7.01
C GLY A 122 2.43 -5.59 7.78
N LEU A 123 2.40 -4.70 8.76
CA LEU A 123 1.19 -4.43 9.51
C LEU A 123 0.96 -2.92 9.53
N LEU A 124 -0.13 -2.48 8.91
CA LEU A 124 -0.50 -1.08 8.95
C LEU A 124 -1.05 -0.73 10.34
N VAL A 125 -0.40 0.21 11.00
CA VAL A 125 -0.86 0.74 12.29
C VAL A 125 -1.34 2.16 12.05
N THR A 126 -2.59 2.44 12.42
CA THR A 126 -3.15 3.78 12.30
C THR A 126 -3.16 4.46 13.66
N VAL A 127 -2.61 5.67 13.71
CA VAL A 127 -2.59 6.49 14.91
C VAL A 127 -3.72 7.50 14.78
N SER A 128 -4.77 7.33 15.57
CA SER A 128 -5.98 8.12 15.42
C SER A 128 -6.81 7.98 16.69
N SER A 129 -7.68 8.97 16.92
CA SER A 129 -8.63 8.94 18.02
C SER A 129 -9.95 8.27 17.66
N ALA A 130 -10.14 7.90 16.40
CA ALA A 130 -11.40 7.30 15.98
C ALA A 130 -11.62 5.96 16.69
N SER A 131 -12.88 5.57 16.81
CA SER A 131 -13.24 4.32 17.48
C SER A 131 -13.23 3.18 16.48
N THR A 132 -12.79 2.01 16.94
CA THR A 132 -12.86 0.81 16.12
C THR A 132 -14.31 0.52 15.77
N THR A 133 -14.61 0.47 14.47
CA THR A 133 -15.98 0.35 13.99
C THR A 133 -16.07 -0.80 13.01
N ALA A 134 -16.91 -1.78 13.32
CA ALA A 134 -17.18 -2.87 12.39
C ALA A 134 -18.10 -2.39 11.27
N PRO A 135 -17.84 -2.77 10.03
CA PRO A 135 -18.60 -2.23 8.91
C PRO A 135 -20.01 -2.80 8.81
N LYS A 136 -20.92 -1.95 8.35
CA LYS A 136 -22.25 -2.37 7.92
C LYS A 136 -22.19 -2.73 6.44
N VAL A 137 -22.44 -4.00 6.12
CA VAL A 137 -22.28 -4.51 4.77
C VAL A 137 -23.66 -4.86 4.19
N TYR A 138 -23.83 -4.60 2.91
CA TYR A 138 -25.06 -4.87 2.18
C TYR A 138 -24.69 -5.34 0.78
N PRO A 139 -25.61 -6.00 0.08
CA PRO A 139 -25.37 -6.32 -1.33
C PRO A 139 -25.65 -5.12 -2.22
N LEU A 140 -25.06 -5.17 -3.41
CA LEU A 140 -25.21 -4.12 -4.42
C LEU A 140 -25.60 -4.74 -5.74
N SER A 141 -26.87 -4.58 -6.12
CA SER A 141 -27.38 -5.08 -7.39
C SER A 141 -28.05 -3.94 -8.14
N SER A 142 -28.19 -4.11 -9.45
CA SER A 142 -28.84 -3.13 -10.32
C SER A 142 -30.10 -3.79 -10.89
N CYS A 143 -31.17 -3.79 -10.11
CA CYS A 143 -32.44 -4.38 -10.51
C CYS A 143 -33.46 -3.26 -10.72
N CYS A 144 -33.28 -2.53 -11.82
CA CYS A 144 -34.17 -1.40 -12.13
C CYS A 144 -34.51 -1.32 -13.61
N GLY A 145 -34.42 -2.43 -14.35
CA GLY A 145 -34.76 -2.43 -15.76
C GLY A 145 -33.58 -2.11 -16.65
N ASP A 146 -33.33 -2.97 -17.63
CA ASP A 146 -32.19 -2.80 -18.55
C ASP A 146 -32.38 -3.77 -19.71
N LYS A 147 -31.45 -3.72 -20.66
CA LYS A 147 -31.36 -4.65 -21.77
C LYS A 147 -30.01 -5.36 -21.77
N SER A 148 -29.55 -5.74 -20.58
CA SER A 148 -28.23 -6.32 -20.38
C SER A 148 -27.96 -7.55 -21.24
N LEU A 154 -22.94 -8.31 -9.36
CA LEU A 154 -23.16 -8.16 -7.92
C LEU A 154 -21.90 -7.66 -7.22
N GLY A 155 -22.10 -6.77 -6.25
CA GLY A 155 -20.99 -6.23 -5.48
C GLY A 155 -21.37 -6.06 -4.03
N CYS A 156 -20.35 -5.89 -3.20
CA CYS A 156 -20.54 -5.73 -1.77
C CYS A 156 -20.54 -4.26 -1.38
N LEU A 157 -21.12 -3.97 -0.22
CA LEU A 157 -21.24 -2.61 0.29
C LEU A 157 -20.72 -2.57 1.73
N VAL A 158 -19.42 -2.83 1.88
CA VAL A 158 -18.76 -2.75 3.18
C VAL A 158 -18.49 -1.27 3.45
N SER A 159 -19.31 -0.67 4.30
CA SER A 159 -19.30 0.77 4.51
C SER A 159 -19.13 1.11 5.98
N SER A 160 -18.53 2.27 6.23
CA SER A 160 -18.41 2.86 7.57
C SER A 160 -17.71 1.91 8.54
N TYR A 161 -16.41 1.74 8.29
CA TYR A 161 -15.56 0.94 9.16
C TYR A 161 -14.30 1.72 9.52
N MET A 162 -13.58 1.21 10.52
CA MET A 162 -12.37 1.84 11.03
C MET A 162 -11.64 0.84 11.92
N PRO A 163 -10.32 0.64 11.72
CA PRO A 163 -9.50 1.25 10.67
C PRO A 163 -9.28 0.36 9.45
N GLU A 164 -8.48 0.85 8.51
CA GLU A 164 -8.02 0.04 7.41
C GLU A 164 -6.97 -0.95 7.90
N PRO A 165 -6.78 -2.07 7.18
CA PRO A 165 -7.49 -2.47 5.96
C PRO A 165 -8.64 -3.44 6.18
N VAL A 166 -9.36 -3.73 5.11
CA VAL A 166 -10.35 -4.79 5.06
C VAL A 166 -9.97 -5.68 3.87
N THR A 167 -10.37 -6.95 3.93
CA THR A 167 -10.04 -7.91 2.89
C THR A 167 -11.32 -8.55 2.35
N VAL A 168 -11.37 -8.71 1.03
CA VAL A 168 -12.52 -9.32 0.37
C VAL A 168 -12.04 -10.46 -0.52
N HIS A 180 -12.77 -8.18 -8.43
CA HIS A 180 -12.19 -6.84 -8.45
C HIS A 180 -12.66 -6.02 -7.26
N THR A 181 -11.82 -5.95 -6.22
CA THR A 181 -12.09 -5.12 -5.04
C THR A 181 -11.40 -3.78 -5.21
N PHE A 182 -12.08 -2.73 -4.77
CA PHE A 182 -11.56 -1.39 -4.92
C PHE A 182 -10.89 -0.90 -3.65
N PRO A 183 -9.90 -0.02 -3.75
CA PRO A 183 -9.35 0.61 -2.55
C PRO A 183 -10.37 1.50 -1.88
N ALA A 184 -10.26 1.60 -0.56
CA ALA A 184 -11.26 2.30 0.24
C ALA A 184 -11.19 3.80 -0.01
N VAL A 185 -12.24 4.49 0.41
CA VAL A 185 -12.32 5.95 0.34
C VAL A 185 -12.54 6.48 1.75
N LEU A 186 -12.01 7.67 2.00
CA LEU A 186 -12.13 8.32 3.31
C LEU A 186 -13.21 9.40 3.19
N GLN A 187 -14.42 9.06 3.62
CA GLN A 187 -15.52 10.02 3.59
C GLN A 187 -15.34 11.08 4.67
N SER A 188 -16.15 12.14 4.56
CA SER A 188 -16.11 13.22 5.54
C SER A 188 -16.50 12.74 6.93
N SER A 189 -17.20 11.60 7.02
CA SER A 189 -17.57 11.04 8.31
C SER A 189 -16.39 10.51 9.11
N GLY A 190 -15.19 10.52 8.52
CA GLY A 190 -14.02 9.98 9.20
C GLY A 190 -13.91 8.48 9.18
N LEU A 191 -14.75 7.79 8.41
CA LEU A 191 -14.75 6.34 8.30
C LEU A 191 -14.44 5.94 6.86
N TYR A 192 -14.11 4.66 6.69
CA TYR A 192 -13.75 4.12 5.38
C TYR A 192 -14.89 3.31 4.79
N SER A 193 -14.87 3.16 3.46
CA SER A 193 -15.83 2.35 2.73
C SER A 193 -15.22 1.92 1.41
N LEU A 194 -15.52 0.69 0.99
CA LEU A 194 -15.10 0.22 -0.32
C LEU A 194 -16.11 -0.81 -0.82
N SER A 195 -15.85 -1.31 -2.03
CA SER A 195 -16.73 -2.30 -2.66
C SER A 195 -15.88 -3.24 -3.51
N SER A 196 -16.54 -4.26 -4.05
CA SER A 196 -15.83 -5.27 -4.83
C SER A 196 -16.74 -5.76 -5.96
N MET A 197 -16.13 -6.46 -6.91
CA MET A 197 -16.86 -7.06 -8.02
C MET A 197 -17.43 -8.41 -7.62
N CYS A 212 -20.70 -12.73 -0.99
CA CYS A 212 -19.51 -11.92 -0.78
C CYS A 212 -18.93 -12.15 0.61
N ASN A 213 -17.61 -12.23 0.70
CA ASN A 213 -16.89 -12.46 1.95
C ASN A 213 -15.98 -11.28 2.24
N VAL A 214 -16.29 -10.55 3.32
CA VAL A 214 -15.47 -9.44 3.77
C VAL A 214 -14.90 -9.80 5.13
N ALA A 215 -13.73 -9.24 5.45
CA ALA A 215 -13.05 -9.57 6.69
C ALA A 215 -12.31 -8.34 7.19
N HIS A 216 -12.71 -7.85 8.37
CA HIS A 216 -12.06 -6.71 9.01
C HIS A 216 -11.29 -7.21 10.22
N PRO A 217 -9.96 -7.36 10.14
CA PRO A 217 -9.22 -7.95 11.27
C PRO A 217 -9.25 -7.10 12.52
N ALA A 218 -9.32 -5.78 12.41
CA ALA A 218 -9.30 -4.93 13.59
C ALA A 218 -10.61 -5.02 14.37
N SER A 219 -11.74 -5.17 13.67
CA SER A 219 -13.03 -5.27 14.34
C SER A 219 -13.35 -6.70 14.78
N SER A 220 -12.56 -7.68 14.35
CA SER A 220 -12.73 -9.10 14.65
C SER A 220 -13.97 -9.70 13.98
N THR A 221 -14.63 -8.97 13.10
CA THR A 221 -15.87 -9.42 12.48
C THR A 221 -15.60 -10.04 11.12
N LYS A 222 -16.40 -11.05 10.79
CA LYS A 222 -16.40 -11.67 9.48
C LYS A 222 -17.82 -11.68 8.93
N VAL A 223 -17.94 -11.56 7.60
CA VAL A 223 -19.24 -11.63 6.95
C VAL A 223 -19.16 -12.58 5.76
N VAL B 3 19.02 10.80 3.01
CA VAL B 3 18.17 10.11 2.04
C VAL B 3 18.85 10.12 0.67
N LEU B 4 18.85 8.96 0.02
CA LEU B 4 19.42 8.84 -1.31
C LEU B 4 18.40 9.29 -2.34
N THR B 5 18.87 9.99 -3.37
CA THR B 5 17.96 10.55 -4.36
C THR B 5 17.80 9.57 -5.52
N GLN B 6 16.54 9.28 -5.83
CA GLN B 6 16.10 8.48 -6.96
C GLN B 6 15.15 9.32 -7.79
N PRO B 7 15.05 9.06 -9.09
CA PRO B 7 14.05 9.74 -9.90
C PRO B 7 12.66 9.33 -9.45
N PRO B 8 11.72 10.27 -9.39
CA PRO B 8 10.37 9.91 -8.92
C PRO B 8 9.69 8.88 -9.80
N SER B 9 10.02 8.84 -11.09
CA SER B 9 9.39 7.89 -12.02
C SER B 9 10.32 7.64 -13.19
N VAL B 10 10.23 6.43 -13.74
CA VAL B 10 10.91 6.06 -14.97
C VAL B 10 9.90 5.35 -15.85
N SER B 11 9.88 5.70 -17.13
CA SER B 11 8.90 5.14 -18.06
C SER B 11 9.58 4.36 -19.17
N GLY B 12 8.86 3.35 -19.67
CA GLY B 12 9.31 2.58 -20.81
C GLY B 12 8.19 1.71 -21.33
N SER B 13 8.32 1.31 -22.59
CA SER B 13 7.39 0.36 -23.18
C SER B 13 7.91 -1.07 -23.03
N LEU B 14 7.04 -2.04 -23.29
CA LEU B 14 7.40 -3.45 -23.14
C LEU B 14 8.58 -3.80 -24.03
N GLY B 15 9.57 -4.48 -23.45
CA GLY B 15 10.75 -4.89 -24.17
C GLY B 15 11.92 -3.94 -24.14
N GLN B 16 11.67 -2.67 -23.80
CA GLN B 16 12.72 -1.65 -23.78
C GLN B 16 13.70 -1.89 -22.63
N ARG B 17 14.87 -1.28 -22.76
CA ARG B 17 15.86 -1.24 -21.67
C ARG B 17 15.64 0.03 -20.85
N VAL B 18 15.37 -0.13 -19.56
CA VAL B 18 15.19 1.00 -18.67
C VAL B 18 16.10 0.82 -17.47
N SER B 19 16.48 1.94 -16.84
CA SER B 19 17.33 1.88 -15.67
C SER B 19 16.92 2.95 -14.67
N ILE B 20 17.28 2.70 -13.42
CA ILE B 20 16.90 3.54 -12.28
C ILE B 20 18.17 3.81 -11.48
N THR B 21 18.45 5.08 -11.22
CA THR B 21 19.65 5.46 -10.51
C THR B 21 19.35 5.80 -9.06
N CYS B 22 20.42 5.83 -8.27
CA CYS B 22 20.33 6.10 -6.83
C CYS B 22 21.60 6.85 -6.45
N SER B 23 21.46 8.11 -6.05
CA SER B 23 22.60 9.01 -5.87
C SER B 23 22.82 9.29 -4.40
N GLY B 24 24.04 9.05 -3.93
CA GLY B 24 24.39 9.27 -2.54
C GLY B 24 25.69 10.02 -2.35
N SER B 25 26.55 9.53 -1.47
CA SER B 25 27.84 10.16 -1.19
C SER B 25 28.89 9.08 -0.96
N SER B 26 30.10 9.51 -0.61
CA SER B 26 31.19 8.57 -0.36
C SER B 26 31.00 7.81 0.95
N SER B 27 30.15 8.30 1.84
CA SER B 27 29.93 7.67 3.13
C SER B 27 28.84 6.60 3.10
N ASN B 28 28.07 6.51 2.01
CA ASN B 28 27.09 5.44 1.88
C ASN B 28 27.33 4.63 0.61
N ILE B 29 26.82 5.09 -0.54
CA ILE B 29 26.99 4.36 -1.79
C ILE B 29 28.47 4.21 -2.15
N GLY B 30 29.28 5.20 -1.79
CA GLY B 30 30.71 5.11 -2.05
C GLY B 30 31.44 4.12 -1.16
N ARG B 31 30.87 3.77 0.00
CA ARG B 31 31.52 2.91 0.97
C ARG B 31 30.97 1.49 1.01
N TRP B 32 29.65 1.32 0.86
CA TRP B 32 29.02 0.03 1.03
C TRP B 32 28.38 -0.44 -0.28
N GLY B 33 28.01 -1.71 -0.30
CA GLY B 33 27.18 -2.24 -1.36
C GLY B 33 25.77 -1.66 -1.30
N VAL B 34 25.04 -1.84 -2.39
CA VAL B 34 23.72 -1.23 -2.56
C VAL B 34 22.72 -2.33 -2.89
N ASN B 35 21.60 -2.33 -2.18
CA ASN B 35 20.53 -3.29 -2.40
C ASN B 35 19.31 -2.60 -2.99
N TRP B 36 18.47 -3.38 -3.66
CA TRP B 36 17.26 -2.87 -4.28
C TRP B 36 16.05 -3.69 -3.86
N TYR B 37 14.95 -2.99 -3.55
CA TYR B 37 13.69 -3.61 -3.16
C TYR B 37 12.61 -3.28 -4.19
N GLN B 38 11.83 -4.30 -4.54
CA GLN B 38 10.67 -4.13 -5.41
C GLN B 38 9.40 -4.15 -4.56
N GLN B 39 8.46 -3.25 -4.87
CA GLN B 39 7.20 -3.16 -4.15
C GLN B 39 6.07 -2.93 -5.14
N VAL B 40 5.27 -3.96 -5.38
CA VAL B 40 4.08 -3.80 -6.24
C VAL B 40 3.01 -3.05 -5.47
N PRO B 41 2.28 -2.11 -6.09
CA PRO B 41 1.30 -1.33 -5.34
C PRO B 41 0.29 -2.21 -4.60
N GLY B 42 0.13 -1.93 -3.31
CA GLY B 42 -0.74 -2.69 -2.45
C GLY B 42 -0.09 -3.87 -1.76
N SER B 43 1.02 -4.37 -2.28
CA SER B 43 1.70 -5.54 -1.74
C SER B 43 2.90 -5.11 -0.89
N GLY B 44 3.69 -6.10 -0.46
CA GLY B 44 4.84 -5.85 0.40
C GLY B 44 6.13 -5.61 -0.35
N LEU B 45 7.25 -6.07 0.20
CA LEU B 45 8.57 -5.82 -0.35
C LEU B 45 9.25 -7.13 -0.77
N ARG B 46 10.15 -7.01 -1.76
CA ARG B 46 10.97 -8.13 -2.21
C ARG B 46 12.36 -7.60 -2.58
N THR B 47 13.41 -8.27 -2.09
CA THR B 47 14.77 -7.89 -2.48
C THR B 47 15.12 -8.51 -3.83
N ILE B 48 15.54 -7.69 -4.78
CA ILE B 48 15.83 -8.17 -6.12
C ILE B 48 17.31 -8.11 -6.48
N ILE B 49 18.08 -7.19 -5.89
CA ILE B 49 19.50 -7.04 -6.18
C ILE B 49 20.21 -6.71 -4.88
N TYR B 50 21.40 -7.28 -4.67
CA TYR B 50 22.17 -6.90 -3.49
C TYR B 50 23.66 -6.83 -3.76
N TYR B 51 24.31 -5.99 -2.95
CA TYR B 51 25.74 -5.65 -2.99
C TYR B 51 26.07 -4.92 -4.28
N GLU B 52 26.29 -5.69 -5.35
CA GLU B 52 26.52 -5.11 -6.68
C GLU B 52 25.45 -5.60 -7.65
N SER B 53 25.51 -6.86 -8.10
CA SER B 53 24.52 -7.36 -9.03
C SER B 53 24.06 -8.77 -8.67
N SER B 54 24.06 -9.12 -7.38
CA SER B 54 23.62 -10.43 -6.96
C SER B 54 22.09 -10.53 -6.96
N ARG B 55 21.58 -11.67 -7.41
CA ARG B 55 20.14 -11.89 -7.47
C ARG B 55 19.74 -12.96 -6.49
N PRO B 56 18.83 -12.69 -5.55
CA PRO B 56 18.27 -13.78 -4.74
C PRO B 56 17.52 -14.77 -5.61
N SER B 57 17.33 -15.97 -5.07
CA SER B 57 16.68 -17.04 -5.81
C SER B 57 15.28 -16.61 -6.26
N GLY B 58 14.94 -16.97 -7.49
CA GLY B 58 13.65 -16.62 -8.07
C GLY B 58 13.62 -15.31 -8.83
N VAL B 59 14.66 -14.49 -8.75
CA VAL B 59 14.69 -13.18 -9.38
C VAL B 59 15.32 -13.34 -10.77
N PRO B 60 14.60 -13.00 -11.85
CA PRO B 60 15.11 -13.30 -13.20
C PRO B 60 16.30 -12.41 -13.57
N ASP B 61 17.11 -12.92 -14.51
CA ASP B 61 18.35 -12.24 -14.87
C ASP B 61 18.12 -10.98 -15.69
N ARG B 62 16.89 -10.65 -16.03
CA ARG B 62 16.58 -9.35 -16.62
C ARG B 62 16.97 -8.21 -15.68
N PHE B 63 16.96 -8.46 -14.37
CA PHE B 63 17.36 -7.48 -13.37
C PHE B 63 18.86 -7.56 -13.11
N SER B 64 19.53 -6.42 -13.19
CA SER B 64 20.95 -6.34 -12.88
C SER B 64 21.23 -4.99 -12.24
N GLY B 65 22.40 -4.88 -11.61
CA GLY B 65 22.80 -3.66 -10.95
C GLY B 65 24.27 -3.36 -11.17
N SER B 66 24.61 -2.09 -10.99
CA SER B 66 25.98 -1.62 -11.13
C SER B 66 26.16 -0.37 -10.26
N LYS B 67 27.41 0.01 -10.05
CA LYS B 67 27.74 1.17 -9.25
C LYS B 67 28.88 1.94 -9.90
N SER B 68 28.75 3.27 -9.94
CA SER B 68 29.79 4.13 -10.49
C SER B 68 29.95 5.32 -9.56
N GLY B 69 31.04 5.33 -8.79
CA GLY B 69 31.30 6.40 -7.85
C GLY B 69 30.31 6.41 -6.70
N ASN B 70 29.47 7.44 -6.65
CA ASN B 70 28.45 7.59 -5.62
C ASN B 70 27.04 7.37 -6.14
N THR B 71 26.91 6.69 -7.29
CA THR B 71 25.61 6.42 -7.88
C THR B 71 25.50 4.92 -8.16
N ALA B 72 24.37 4.33 -7.78
CA ALA B 72 24.05 2.95 -8.11
C ALA B 72 22.92 2.92 -9.12
N THR B 73 22.99 2.00 -10.07
CA THR B 73 21.99 1.92 -11.12
C THR B 73 21.41 0.52 -11.18
N LEU B 74 20.08 0.46 -11.22
CA LEU B 74 19.32 -0.77 -11.38
C LEU B 74 18.81 -0.82 -12.80
N THR B 75 19.19 -1.86 -13.56
CA THR B 75 18.77 -1.97 -14.94
C THR B 75 17.83 -3.15 -15.14
N ILE B 76 16.76 -2.92 -15.89
CA ILE B 76 15.97 -3.99 -16.48
C ILE B 76 16.32 -4.03 -17.96
N SER B 77 16.90 -5.15 -18.42
CA SER B 77 17.39 -5.22 -19.79
C SER B 77 16.25 -5.33 -20.80
N SER B 78 15.13 -5.93 -20.41
CA SER B 78 13.95 -6.03 -21.26
C SER B 78 12.72 -5.91 -20.36
N LEU B 79 12.02 -4.79 -20.46
CA LEU B 79 10.93 -4.49 -19.54
C LEU B 79 9.75 -5.43 -19.78
N GLN B 80 9.16 -5.93 -18.70
CA GLN B 80 7.97 -6.76 -18.77
C GLN B 80 6.87 -6.17 -17.91
N ALA B 81 5.63 -6.63 -18.14
CA ALA B 81 4.47 -6.02 -17.51
C ALA B 81 4.48 -6.19 -15.99
N GLU B 82 4.96 -7.34 -15.51
CA GLU B 82 5.04 -7.58 -14.08
C GLU B 82 6.13 -6.76 -13.39
N ASP B 83 6.90 -5.97 -14.13
CA ASP B 83 7.91 -5.10 -13.53
C ASP B 83 7.35 -3.75 -13.12
N GLU B 84 6.11 -3.44 -13.49
CA GLU B 84 5.48 -2.18 -13.09
C GLU B 84 5.28 -2.17 -11.58
N ALA B 85 6.11 -1.40 -10.89
CA ALA B 85 6.11 -1.35 -9.43
C ALA B 85 6.96 -0.16 -9.00
N ASP B 86 7.13 -0.02 -7.69
CA ASP B 86 8.05 0.94 -7.11
C ASP B 86 9.35 0.23 -6.73
N TYR B 87 10.45 0.98 -6.80
CA TYR B 87 11.76 0.42 -6.50
C TYR B 87 12.50 1.35 -5.56
N PHE B 88 13.17 0.76 -4.58
CA PHE B 88 13.88 1.51 -3.55
C PHE B 88 15.30 0.98 -3.44
N CYS B 89 16.28 1.88 -3.41
CA CYS B 89 17.64 1.46 -3.13
C CYS B 89 17.91 1.57 -1.63
N ALA B 90 18.86 0.77 -1.15
CA ALA B 90 19.14 0.71 0.27
C ALA B 90 20.61 0.45 0.51
N THR B 91 21.15 1.16 1.51
CA THR B 91 22.53 0.97 1.95
C THR B 91 22.63 1.53 3.36
N GLY B 92 23.86 1.82 3.80
CA GLY B 92 24.08 2.35 5.12
C GLY B 92 24.98 3.56 5.11
N ASP B 93 24.72 4.46 6.07
CA ASP B 93 25.61 5.56 6.36
C ASP B 93 26.20 5.36 7.75
N TYR B 94 27.21 6.19 8.05
CA TYR B 94 28.04 6.10 9.26
C TYR B 94 27.39 5.38 10.44
N ASN B 95 26.20 5.81 10.86
CA ASN B 95 25.54 5.22 12.02
C ASN B 95 24.07 4.88 11.77
N ILE B 96 23.59 4.96 10.53
CA ILE B 96 22.19 4.72 10.22
C ILE B 96 22.08 3.90 8.94
N ALA B 97 20.89 3.36 8.71
CA ALA B 97 20.52 2.82 7.40
C ALA B 97 19.85 3.92 6.57
N VAL B 98 20.16 3.95 5.28
CA VAL B 98 19.57 4.97 4.43
C VAL B 98 18.82 4.30 3.28
N PHE B 99 17.74 4.95 2.84
CA PHE B 99 16.95 4.45 1.72
C PHE B 99 16.79 5.52 0.66
N GLY B 100 16.67 5.08 -0.58
CA GLY B 100 16.31 5.99 -1.64
C GLY B 100 14.87 6.45 -1.50
N SER B 101 14.57 7.57 -2.19
CA SER B 101 13.25 8.18 -2.10
C SER B 101 12.19 7.41 -2.89
N GLY B 102 12.60 6.45 -3.70
CA GLY B 102 11.65 5.61 -4.41
C GLY B 102 11.42 6.02 -5.85
N THR B 103 11.27 5.04 -6.75
CA THR B 103 10.94 5.30 -8.14
C THR B 103 9.77 4.43 -8.54
N THR B 104 8.74 5.05 -9.12
CA THR B 104 7.64 4.34 -9.75
C THR B 104 8.01 4.01 -11.19
N LEU B 105 8.03 2.73 -11.52
CA LEU B 105 8.36 2.29 -12.87
C LEU B 105 7.07 2.17 -13.67
N ILE B 106 6.94 2.97 -14.72
CA ILE B 106 5.71 3.10 -15.49
C ILE B 106 5.89 2.38 -16.82
N VAL B 107 4.93 1.53 -17.16
CA VAL B 107 4.90 0.85 -18.45
C VAL B 107 4.01 1.65 -19.38
N MET B 108 4.60 2.25 -20.41
CA MET B 108 3.89 3.12 -21.35
C MET B 108 3.70 2.41 -22.68
N GLY B 109 2.97 3.07 -23.59
CA GLY B 109 2.72 2.52 -24.90
C GLY B 109 1.54 1.58 -24.99
N GLN B 110 0.59 1.68 -24.09
CA GLN B 110 -0.55 0.78 -24.02
C GLN B 110 -1.75 1.37 -24.76
N PRO B 111 -2.68 0.54 -25.20
CA PRO B 111 -3.89 1.05 -25.84
C PRO B 111 -4.99 1.34 -24.82
N LYS B 112 -5.93 2.18 -25.26
CA LYS B 112 -7.00 2.66 -24.39
C LYS B 112 -8.10 1.62 -24.24
N SER B 113 -8.86 1.72 -23.14
CA SER B 113 -9.94 0.80 -22.83
C SER B 113 -11.09 1.57 -22.20
N PRO B 114 -12.33 1.15 -22.46
CA PRO B 114 -13.49 1.92 -21.99
C PRO B 114 -13.83 1.59 -20.55
N PRO B 115 -14.30 2.58 -19.79
CA PRO B 115 -14.60 2.36 -18.36
C PRO B 115 -15.95 1.67 -18.17
N SER B 116 -15.93 0.53 -17.49
CA SER B 116 -17.16 -0.19 -17.16
C SER B 116 -17.74 0.39 -15.89
N VAL B 117 -18.98 0.86 -15.94
CA VAL B 117 -19.64 1.55 -14.84
C VAL B 117 -20.91 0.81 -14.48
N THR B 118 -20.90 0.17 -13.31
CA THR B 118 -22.08 -0.48 -12.75
C THR B 118 -22.53 0.37 -11.56
N LEU B 119 -23.41 1.33 -11.83
CA LEU B 119 -23.90 2.22 -10.79
C LEU B 119 -25.04 1.57 -10.03
N PHE B 120 -24.94 1.57 -8.69
CA PHE B 120 -25.92 0.89 -7.87
C PHE B 120 -26.66 1.87 -6.96
N PRO B 121 -27.96 1.69 -6.78
CA PRO B 121 -28.69 2.43 -5.75
C PRO B 121 -28.42 1.85 -4.39
N PRO B 122 -28.93 2.46 -3.30
CA PRO B 122 -28.73 1.88 -1.97
C PRO B 122 -29.56 0.62 -1.73
N SER B 123 -30.16 0.52 -0.55
CA SER B 123 -30.96 -0.64 -0.19
C SER B 123 -32.09 -0.21 0.73
N THR B 124 -32.98 -1.15 1.03
CA THR B 124 -34.10 -0.85 1.92
C THR B 124 -33.63 -0.68 3.37
N GLU B 125 -32.56 -1.37 3.76
CA GLU B 125 -32.02 -1.18 5.10
C GLU B 125 -31.41 0.20 5.28
N GLU B 126 -30.81 0.74 4.21
CA GLU B 126 -30.19 2.06 4.30
C GLU B 126 -31.24 3.15 4.43
N LEU B 127 -32.34 3.05 3.69
CA LEU B 127 -33.39 4.06 3.75
C LEU B 127 -34.19 3.95 5.04
N ASN B 128 -34.28 2.75 5.62
CA ASN B 128 -34.93 2.60 6.92
C ASN B 128 -34.10 3.25 8.02
N GLY B 129 -32.78 3.26 7.86
CA GLY B 129 -31.92 4.03 8.75
C GLY B 129 -31.66 5.41 8.18
N ASN B 130 -32.56 5.85 7.30
CA ASN B 130 -32.50 7.11 6.56
C ASN B 130 -31.09 7.51 6.16
N LYS B 131 -30.56 6.87 5.11
CA LYS B 131 -29.29 7.24 4.51
C LYS B 131 -29.17 6.54 3.17
N ALA B 132 -28.59 7.21 2.18
CA ALA B 132 -28.48 6.69 0.83
C ALA B 132 -27.03 6.72 0.39
N THR B 133 -26.54 5.58 -0.08
CA THR B 133 -25.15 5.44 -0.54
C THR B 133 -25.18 4.99 -1.99
N LEU B 134 -24.99 5.94 -2.91
CA LEU B 134 -24.86 5.61 -4.33
C LEU B 134 -23.42 5.20 -4.62
N VAL B 135 -23.25 4.01 -5.19
CA VAL B 135 -21.93 3.45 -5.45
C VAL B 135 -21.72 3.42 -6.96
N CYS B 136 -20.73 4.18 -7.43
CA CYS B 136 -20.40 4.25 -8.86
C CYS B 136 -19.02 3.64 -9.05
N LEU B 137 -18.99 2.38 -9.48
CA LEU B 137 -17.74 1.66 -9.68
C LEU B 137 -17.30 1.77 -11.14
N ILE B 138 -16.00 2.03 -11.33
CA ILE B 138 -15.43 2.27 -12.65
C ILE B 138 -14.27 1.29 -12.84
N SER B 139 -14.22 0.64 -14.01
CA SER B 139 -13.28 -0.44 -14.24
C SER B 139 -12.68 -0.37 -15.63
N ASP B 140 -11.40 -0.76 -15.72
CA ASP B 140 -10.72 -1.07 -16.98
C ASP B 140 -10.58 0.14 -17.90
N PHE B 141 -9.64 1.03 -17.61
CA PHE B 141 -9.39 2.16 -18.51
C PHE B 141 -7.92 2.54 -18.43
N TYR B 142 -7.44 3.18 -19.50
CA TYR B 142 -6.05 3.60 -19.63
C TYR B 142 -6.00 4.88 -20.46
N PRO B 143 -5.29 5.92 -20.00
CA PRO B 143 -4.63 5.98 -18.70
C PRO B 143 -5.60 6.26 -17.55
N GLY B 144 -5.07 6.48 -16.36
CA GLY B 144 -5.90 6.72 -15.20
C GLY B 144 -6.00 8.18 -14.81
N SER B 145 -6.91 8.91 -15.44
CA SER B 145 -7.14 10.31 -15.13
C SER B 145 -8.59 10.67 -15.43
N VAL B 146 -9.52 9.82 -14.99
CA VAL B 146 -10.93 10.05 -15.25
C VAL B 146 -11.46 11.10 -14.29
N THR B 147 -12.59 11.71 -14.66
CA THR B 147 -13.26 12.72 -13.86
C THR B 147 -14.74 12.36 -13.76
N VAL B 148 -15.27 12.34 -12.55
CA VAL B 148 -16.65 11.97 -12.29
C VAL B 148 -17.41 13.20 -11.79
N VAL B 149 -18.52 13.50 -12.43
CA VAL B 149 -19.40 14.60 -12.03
C VAL B 149 -20.79 14.03 -11.81
N TRP B 150 -21.32 14.22 -10.60
CA TRP B 150 -22.63 13.71 -10.25
C TRP B 150 -23.72 14.71 -10.61
N LYS B 151 -24.83 14.20 -11.13
CA LYS B 151 -25.98 15.03 -11.48
C LYS B 151 -27.21 14.58 -10.69
N ALA B 152 -28.05 15.54 -10.33
CA ALA B 152 -29.34 15.29 -9.69
C ALA B 152 -30.39 15.96 -10.56
N ASP B 153 -31.06 15.18 -11.41
CA ASP B 153 -31.98 15.69 -12.42
C ASP B 153 -31.27 16.70 -13.34
N GLY B 154 -29.98 16.51 -13.57
CA GLY B 154 -29.23 17.36 -14.47
C GLY B 154 -28.68 18.61 -13.83
N SER B 155 -28.11 18.50 -12.64
CA SER B 155 -27.53 19.63 -11.94
C SER B 155 -26.28 19.19 -11.19
N THR B 156 -25.27 20.05 -11.18
CA THR B 156 -23.98 19.71 -10.60
C THR B 156 -24.11 19.36 -9.12
N ILE B 157 -23.24 18.45 -8.66
CA ILE B 157 -23.22 18.03 -7.27
C ILE B 157 -21.78 17.94 -6.81
N THR B 158 -21.45 18.64 -5.73
CA THR B 158 -20.22 18.42 -4.99
C THR B 158 -20.48 18.15 -3.52
N ARG B 159 -21.75 18.04 -3.11
CA ARG B 159 -22.12 17.77 -1.73
C ARG B 159 -21.92 16.30 -1.44
N ASN B 160 -20.96 15.98 -0.56
CA ASN B 160 -20.67 14.62 -0.13
C ASN B 160 -20.26 13.74 -1.32
N VAL B 161 -19.17 14.14 -1.98
CA VAL B 161 -18.59 13.37 -3.07
C VAL B 161 -17.17 13.01 -2.69
N GLU B 162 -16.88 11.72 -2.59
CA GLU B 162 -15.54 11.21 -2.36
C GLU B 162 -15.27 10.15 -3.43
N THR B 163 -14.13 10.28 -4.11
CA THR B 163 -13.79 9.40 -5.22
C THR B 163 -12.34 8.96 -5.08
N THR B 164 -12.13 7.64 -5.03
CA THR B 164 -10.78 7.11 -5.03
C THR B 164 -10.10 7.40 -6.37
N ARG B 165 -8.85 7.83 -6.31
CA ARG B 165 -8.12 8.17 -7.52
C ARG B 165 -7.80 6.91 -8.32
N ALA B 166 -7.06 7.09 -9.41
CA ALA B 166 -6.77 6.00 -10.33
C ALA B 166 -5.96 4.92 -9.63
N SER B 167 -6.51 3.70 -9.61
CA SER B 167 -5.85 2.55 -9.02
C SER B 167 -5.27 1.67 -10.12
N LYS B 168 -4.88 0.45 -9.77
CA LYS B 168 -4.34 -0.49 -10.76
C LYS B 168 -4.50 -1.89 -10.22
N GLN B 169 -5.40 -2.67 -10.83
CA GLN B 169 -5.67 -4.03 -10.38
C GLN B 169 -4.56 -4.97 -10.82
N SER B 170 -4.71 -5.60 -11.99
CA SER B 170 -3.76 -6.59 -12.43
C SER B 170 -3.79 -6.80 -13.95
N ASN B 171 -4.46 -5.89 -14.67
CA ASN B 171 -4.55 -6.00 -16.12
C ASN B 171 -3.90 -4.81 -16.82
N SER B 172 -2.95 -4.13 -16.16
CA SER B 172 -2.26 -2.97 -16.70
C SER B 172 -3.22 -1.84 -17.07
N LYS B 173 -4.35 -1.75 -16.37
CA LYS B 173 -5.29 -0.66 -16.56
C LYS B 173 -5.55 0.04 -15.23
N TYR B 174 -6.54 0.91 -15.19
CA TYR B 174 -6.84 1.70 -13.99
C TYR B 174 -8.31 1.56 -13.64
N ALA B 175 -8.59 1.70 -12.34
CA ALA B 175 -9.95 1.61 -11.83
C ALA B 175 -10.16 2.71 -10.80
N ALA B 176 -11.43 2.95 -10.46
CA ALA B 176 -11.79 3.97 -9.49
C ALA B 176 -13.21 3.74 -9.03
N SER B 177 -13.50 4.20 -7.81
CA SER B 177 -14.83 4.13 -7.25
C SER B 177 -15.25 5.50 -6.72
N SER B 178 -16.54 5.80 -6.83
CA SER B 178 -17.08 7.07 -6.39
C SER B 178 -18.35 6.82 -5.59
N TYR B 179 -18.56 7.63 -4.55
CA TYR B 179 -19.66 7.43 -3.62
C TYR B 179 -20.43 8.73 -3.43
N LEU B 180 -21.73 8.59 -3.15
CA LEU B 180 -22.63 9.71 -2.89
C LEU B 180 -23.33 9.42 -1.58
N SER B 181 -22.86 10.03 -0.49
CA SER B 181 -23.36 9.77 0.85
C SER B 181 -24.38 10.84 1.22
N LEU B 182 -25.61 10.65 0.75
CA LEU B 182 -26.70 11.58 0.99
C LEU B 182 -27.79 10.92 1.82
N THR B 183 -28.71 11.74 2.32
CA THR B 183 -29.74 11.29 3.23
C THR B 183 -30.82 10.51 2.47
N SER B 184 -31.81 10.02 3.22
CA SER B 184 -32.91 9.28 2.60
C SER B 184 -33.79 10.20 1.77
N SER B 185 -34.24 11.31 2.34
CA SER B 185 -35.07 12.25 1.60
C SER B 185 -34.34 12.80 0.39
N ASP B 186 -33.02 13.01 0.49
CA ASP B 186 -32.27 13.57 -0.61
C ASP B 186 -32.26 12.63 -1.82
N TRP B 187 -32.27 11.32 -1.59
CA TRP B 187 -32.36 10.38 -2.70
C TRP B 187 -33.80 10.21 -3.18
N LYS B 188 -34.77 10.31 -2.27
CA LYS B 188 -36.17 10.20 -2.65
C LYS B 188 -36.72 11.50 -3.24
N SER B 189 -36.06 12.63 -2.98
CA SER B 189 -36.56 13.91 -3.47
C SER B 189 -36.47 14.00 -4.99
N LYS B 190 -35.26 13.87 -5.52
CA LYS B 190 -35.06 14.04 -6.95
C LYS B 190 -35.57 12.81 -7.71
N GLY B 191 -35.68 12.98 -9.03
CA GLY B 191 -36.25 11.94 -9.88
C GLY B 191 -35.21 11.00 -10.48
N SER B 192 -33.97 11.46 -10.63
CA SER B 192 -32.94 10.63 -11.26
C SER B 192 -31.57 11.23 -10.98
N TYR B 193 -30.66 10.40 -10.49
CA TYR B 193 -29.27 10.77 -10.29
C TYR B 193 -28.40 10.00 -11.28
N SER B 194 -27.31 10.63 -11.72
CA SER B 194 -26.46 10.04 -12.74
C SER B 194 -25.00 10.23 -12.37
N CYS B 195 -24.19 9.21 -12.67
CA CYS B 195 -22.75 9.23 -12.46
C CYS B 195 -22.09 9.43 -13.82
N GLU B 196 -21.67 10.66 -14.11
CA GLU B 196 -21.08 11.00 -15.40
C GLU B 196 -19.56 10.89 -15.29
N VAL B 197 -18.99 9.91 -15.99
CA VAL B 197 -17.56 9.64 -15.95
C VAL B 197 -16.95 10.08 -17.27
N THR B 198 -15.94 10.95 -17.20
CA THR B 198 -15.22 11.40 -18.37
C THR B 198 -13.92 10.60 -18.52
N HIS B 199 -13.54 10.32 -19.76
CA HIS B 199 -12.32 9.56 -20.03
C HIS B 199 -11.81 9.97 -21.41
N GLU B 200 -10.82 10.88 -21.43
CA GLU B 200 -10.21 11.35 -22.67
C GLU B 200 -11.24 11.90 -23.65
N GLY B 201 -12.21 12.63 -23.12
CA GLY B 201 -13.27 13.18 -23.97
C GLY B 201 -14.37 12.20 -24.29
N SER B 202 -14.73 11.32 -23.36
CA SER B 202 -15.80 10.36 -23.57
C SER B 202 -16.55 10.18 -22.26
N THR B 203 -17.86 10.45 -22.28
CA THR B 203 -18.71 10.35 -21.10
C THR B 203 -19.53 9.07 -21.16
N VAL B 204 -19.51 8.30 -20.07
CA VAL B 204 -20.25 7.05 -19.98
C VAL B 204 -21.23 7.13 -18.82
N THR B 205 -22.32 7.86 -19.01
CA THR B 205 -23.26 8.12 -17.93
C THR B 205 -24.17 6.92 -17.70
N LYS B 206 -24.40 6.62 -16.41
CA LYS B 206 -25.39 5.62 -15.99
C LYS B 206 -26.30 6.25 -14.95
N THR B 207 -27.53 5.77 -14.88
CA THR B 207 -28.50 6.37 -13.96
C THR B 207 -29.57 5.34 -13.60
N VAL B 208 -29.81 5.20 -12.29
CA VAL B 208 -30.95 4.46 -11.76
C VAL B 208 -31.84 5.44 -11.02
N LYS B 209 -33.15 5.34 -11.24
CA LYS B 209 -34.02 6.29 -10.57
C LYS B 209 -34.79 5.62 -9.43
N PRO B 210 -35.18 6.39 -8.39
CA PRO B 210 -35.72 5.78 -7.17
C PRO B 210 -37.01 4.99 -7.35
N SER B 211 -37.55 4.94 -8.57
CA SER B 211 -38.75 4.13 -8.80
C SER B 211 -38.52 2.66 -8.52
N GLU B 212 -37.26 2.20 -8.56
CA GLU B 212 -36.94 0.81 -8.24
C GLU B 212 -35.71 0.73 -7.33
C1 GOL C . 6.62 8.20 -3.96
O1 GOL C . 6.89 8.35 -2.59
C2 GOL C . 7.82 7.45 -4.58
O2 GOL C . 7.49 6.16 -4.99
C3 GOL C . 8.31 8.36 -5.75
O3 GOL C . 7.24 8.54 -6.62
C1 GOL D . 32.32 9.21 6.93
O1 GOL D . 31.19 9.58 7.68
C2 GOL D . 32.50 7.69 7.12
O2 GOL D . 32.51 7.33 8.46
C3 GOL D . 33.83 7.33 6.41
O3 GOL D . 33.69 7.75 5.08
S SO4 E . 5.97 -7.37 -3.88
O1 SO4 E . 5.08 -8.50 -4.10
O2 SO4 E . 6.94 -7.28 -4.96
O3 SO4 E . 5.19 -6.14 -3.84
O4 SO4 E . 6.67 -7.55 -2.61
#